data_4Q6S
#
_entry.id   4Q6S
#
_cell.length_a   36.599
_cell.length_b   48.167
_cell.length_c   101.166
_cell.angle_alpha   90.00
_cell.angle_beta   90.00
_cell.angle_gamma   90.00
#
_symmetry.space_group_name_H-M   'P 21 21 21'
#
loop_
_entity.id
_entity.type
_entity.pdbx_description
1 polymer 'Golgi-associated PDZ and coiled-coil motif-containing protein'
2 polymer 'BT-L-iCAL36 peptide'
3 water water
#
loop_
_entity_poly.entity_id
_entity_poly.type
_entity_poly.pdbx_seq_one_letter_code
_entity_poly.pdbx_strand_id
1 'polypeptide(L)'
;GPIRKVLLLKEDHEGLGISITGGKEHGVPILISEIHPGQPADRCGGLHVGDAILAVNGVNLRDTKHKEAVTILSQQRGEI
EFEVVYV
;
A,B
2 'polypeptide(L)' (BTN)W(DAR)FKKANSRLPTSII C,D
#
loop_
_chem_comp.id
_chem_comp.type
_chem_comp.name
_chem_comp.formula
BTN non-polymer BIOTIN 'C10 H16 N2 O3 S'
#
# COMPACT_ATOMS: atom_id res chain seq x y z
N GLY A 1 7.00 10.31 -0.25
CA GLY A 1 7.50 9.87 -1.54
C GLY A 1 6.69 8.73 -2.11
N PRO A 2 7.25 8.02 -3.10
CA PRO A 2 6.61 6.92 -3.81
C PRO A 2 6.61 5.63 -3.01
N ILE A 3 5.71 4.72 -3.36
CA ILE A 3 5.76 3.38 -2.81
C ILE A 3 7.03 2.71 -3.31
N ARG A 4 7.73 2.04 -2.40
CA ARG A 4 8.85 1.18 -2.76
C ARG A 4 8.55 -0.25 -2.32
N LYS A 5 9.02 -1.21 -3.09
CA LYS A 5 9.04 -2.60 -2.67
C LYS A 5 10.48 -2.98 -2.45
N VAL A 6 10.76 -3.48 -1.25
CA VAL A 6 12.11 -3.77 -0.83
C VAL A 6 12.20 -5.20 -0.36
N LEU A 7 13.26 -5.90 -0.73
CA LEU A 7 13.48 -7.26 -0.30
C LEU A 7 14.47 -7.30 0.85
N LEU A 8 14.07 -8.01 1.89
CA LEU A 8 14.87 -8.20 3.06
C LEU A 8 15.15 -9.68 3.15
N LEU A 9 16.39 -10.04 3.45
CA LEU A 9 16.72 -11.44 3.65
C LEU A 9 17.04 -11.71 5.11
N LYS A 10 16.19 -12.53 5.74
CA LYS A 10 16.27 -12.81 7.17
C LYS A 10 16.73 -14.26 7.31
N GLU A 11 17.80 -14.52 8.06
CA GLU A 11 18.16 -15.90 8.33
C GLU A 11 17.30 -16.44 9.47
N ASP A 12 17.18 -17.76 9.55
CA ASP A 12 16.19 -18.35 10.44
C ASP A 12 16.42 -18.02 11.92
N HIS A 13 17.67 -17.82 12.32
CA HIS A 13 17.99 -17.42 13.70
C HIS A 13 17.84 -15.95 14.02
N GLU A 14 17.52 -15.14 13.00
CA GLU A 14 17.45 -13.71 13.17
C GLU A 14 16.02 -13.23 13.27
N GLY A 15 15.86 -12.08 13.90
CA GLY A 15 14.64 -11.31 13.76
C GLY A 15 14.77 -10.34 12.60
N LEU A 16 13.81 -9.42 12.47
CA LEU A 16 13.82 -8.45 11.38
C LEU A 16 14.74 -7.28 11.67
N GLY A 17 14.90 -6.94 12.94
CA GLY A 17 15.71 -5.79 13.32
C GLY A 17 15.01 -4.46 13.16
N ILE A 18 13.71 -4.41 13.45
CA ILE A 18 12.96 -3.16 13.45
C ILE A 18 12.18 -2.99 14.74
N SER A 19 12.03 -1.73 15.16
CA SER A 19 11.00 -1.37 16.12
C SER A 19 9.84 -0.81 15.34
N ILE A 20 8.64 -1.27 15.66
CA ILE A 20 7.45 -0.80 14.95
C ILE A 20 6.42 -0.21 15.91
N THR A 21 5.78 0.86 15.47
CA THR A 21 4.76 1.52 16.25
C THR A 21 3.51 1.75 15.40
N GLY A 22 2.42 2.22 16.00
CA GLY A 22 1.25 2.55 15.21
C GLY A 22 0.29 1.37 15.09
N GLY A 23 -0.64 1.50 14.15
CA GLY A 23 -1.71 0.53 14.03
C GLY A 23 -3.10 1.12 14.04
N LYS A 24 -4.04 0.32 13.54
CA LYS A 24 -5.42 0.76 13.35
C LYS A 24 -6.04 1.42 14.58
N GLU A 25 -5.83 0.86 15.77
CA GLU A 25 -6.43 1.41 16.96
C GLU A 25 -5.92 2.81 17.29
N HIS A 26 -4.86 3.23 16.62
CA HIS A 26 -4.27 4.55 16.83
C HIS A 26 -4.52 5.50 15.66
N GLY A 27 -5.21 5.00 14.65
CA GLY A 27 -5.44 5.79 13.45
C GLY A 27 -4.18 6.18 12.68
N VAL A 28 -3.15 5.37 12.78
CA VAL A 28 -1.94 5.61 12.00
C VAL A 28 -1.45 4.30 11.41
N PRO A 29 -0.60 4.38 10.38
CA PRO A 29 -0.09 3.15 9.80
C PRO A 29 0.83 2.42 10.77
N ILE A 30 1.18 1.20 10.38
CA ILE A 30 2.28 0.49 10.99
C ILE A 30 3.57 1.18 10.56
N LEU A 31 4.36 1.69 11.51
CA LEU A 31 5.50 2.54 11.20
C LEU A 31 6.80 2.02 11.77
N ILE A 32 7.89 2.20 11.02
CA ILE A 32 9.20 1.83 11.51
C ILE A 32 9.74 2.98 12.34
N SER A 33 9.99 2.71 13.63
CA SER A 33 10.52 3.74 14.54
C SER A 33 12.03 3.61 14.76
N GLU A 34 12.54 2.39 14.60
CA GLU A 34 13.98 2.13 14.75
C GLU A 34 14.42 1.07 13.77
N ILE A 35 15.62 1.22 13.22
CA ILE A 35 16.28 0.20 12.42
C ILE A 35 17.55 -0.21 13.14
N HIS A 36 17.58 -1.45 13.60
CA HIS A 36 18.65 -1.96 14.45
C HIS A 36 19.91 -2.34 13.66
N PRO A 37 21.07 -1.81 14.07
CA PRO A 37 22.28 -1.97 13.25
C PRO A 37 22.71 -3.42 12.97
N GLY A 38 22.94 -3.75 11.70
CA GLY A 38 23.46 -5.06 11.35
C GLY A 38 22.44 -6.14 11.15
N GLN A 39 21.22 -5.90 11.59
CA GLN A 39 20.16 -6.89 11.46
C GLN A 39 19.52 -6.76 10.06
N PRO A 40 18.62 -7.67 9.68
CA PRO A 40 18.21 -7.74 8.27
C PRO A 40 17.67 -6.44 7.67
N ALA A 41 16.84 -5.71 8.40
CA ALA A 41 16.30 -4.45 7.88
C ALA A 41 17.39 -3.45 7.55
N ASP A 42 18.37 -3.32 8.43
CA ASP A 42 19.51 -2.44 8.19
C ASP A 42 20.29 -2.90 6.96
N ARG A 43 20.56 -4.19 6.88
CA ARG A 43 21.37 -4.73 5.79
C ARG A 43 20.75 -4.50 4.42
N CYS A 44 19.43 -4.58 4.29
CA CYS A 44 18.82 -4.37 2.99
C CYS A 44 19.02 -2.95 2.44
N GLY A 45 19.23 -1.98 3.32
CA GLY A 45 19.57 -0.64 2.90
C GLY A 45 18.44 0.10 2.20
N GLY A 46 17.23 -0.45 2.21
CA GLY A 46 16.10 0.18 1.55
C GLY A 46 14.98 0.69 2.45
N LEU A 47 15.20 0.65 3.76
CA LEU A 47 14.17 1.01 4.71
C LEU A 47 14.65 2.10 5.64
N HIS A 48 13.74 3.01 5.97
CA HIS A 48 14.07 4.16 6.77
C HIS A 48 13.14 4.28 7.97
N VAL A 49 13.65 4.87 9.04
CA VAL A 49 12.81 5.24 10.16
C VAL A 49 11.84 6.27 9.60
N GLY A 50 10.55 6.09 9.92
CA GLY A 50 9.52 6.94 9.36
C GLY A 50 8.73 6.30 8.23
N ASP A 51 9.22 5.17 7.72
CA ASP A 51 8.47 4.43 6.69
C ASP A 51 7.24 3.79 7.29
N ALA A 52 6.13 3.87 6.54
CA ALA A 52 4.95 3.09 6.82
C ALA A 52 5.08 1.76 6.09
N ILE A 53 4.80 0.67 6.79
CA ILE A 53 4.74 -0.66 6.18
C ILE A 53 3.31 -0.89 5.71
N LEU A 54 3.10 -0.78 4.41
CA LEU A 54 1.76 -0.94 3.83
C LEU A 54 1.40 -2.40 3.68
N ALA A 55 2.40 -3.23 3.39
CA ALA A 55 2.16 -4.67 3.21
C ALA A 55 3.47 -5.40 3.38
N VAL A 56 3.37 -6.65 3.80
CA VAL A 56 4.52 -7.54 3.87
C VAL A 56 4.16 -8.85 3.17
N ASN A 57 4.96 -9.22 2.18
CA ASN A 57 4.70 -10.44 1.40
C ASN A 57 3.26 -10.51 0.93
N GLY A 58 2.71 -9.37 0.57
CA GLY A 58 1.35 -9.31 0.04
C GLY A 58 0.25 -9.30 1.08
N VAL A 59 0.60 -9.30 2.36
CA VAL A 59 -0.38 -9.10 3.44
C VAL A 59 -0.60 -7.60 3.64
N ASN A 60 -1.81 -7.12 3.37
CA ASN A 60 -2.11 -5.70 3.50
C ASN A 60 -2.22 -5.36 4.99
N LEU A 61 -1.38 -4.43 5.43
CA LEU A 61 -1.32 -3.99 6.83
C LEU A 61 -1.82 -2.56 6.99
N ARG A 62 -2.54 -2.05 5.99
CA ARG A 62 -3.06 -0.69 6.08
C ARG A 62 -4.17 -0.51 7.12
N ASP A 63 -4.86 -1.58 7.47
CA ASP A 63 -6.00 -1.47 8.39
C ASP A 63 -5.98 -2.59 9.42
N THR A 64 -4.83 -2.79 10.04
CA THR A 64 -4.64 -3.84 11.04
C THR A 64 -4.15 -3.25 12.35
N LYS A 65 -4.62 -3.80 13.47
CA LYS A 65 -4.16 -3.37 14.78
C LYS A 65 -2.71 -3.75 15.00
N HIS A 66 -2.07 -3.02 15.92
CA HIS A 66 -0.66 -3.20 16.21
C HIS A 66 -0.24 -4.63 16.43
N LYS A 67 -0.90 -5.33 17.37
CA LYS A 67 -0.45 -6.66 17.75
C LYS A 67 -0.55 -7.65 16.60
N GLU A 68 -1.66 -7.59 15.88
CA GLU A 68 -1.87 -8.47 14.74
C GLU A 68 -0.79 -8.25 13.67
N ALA A 69 -0.49 -6.98 13.37
CA ALA A 69 0.55 -6.67 12.39
C ALA A 69 1.91 -7.19 12.83
N VAL A 70 2.23 -7.03 14.11
CA VAL A 70 3.49 -7.53 14.64
C VAL A 70 3.54 -9.07 14.52
N THR A 71 2.42 -9.74 14.78
CA THR A 71 2.37 -11.18 14.66
C THR A 71 2.64 -11.63 13.22
N ILE A 72 1.97 -11.01 12.26
CA ILE A 72 2.18 -11.33 10.85
C ILE A 72 3.64 -11.07 10.44
N LEU A 73 4.19 -9.94 10.88
CA LEU A 73 5.56 -9.64 10.54
C LEU A 73 6.54 -10.65 11.11
N SER A 74 6.31 -11.06 12.35
N SER A 74 6.32 -11.06 12.36
CA SER A 74 7.20 -12.02 13.00
CA SER A 74 7.21 -12.02 12.99
C SER A 74 7.09 -13.45 12.47
C SER A 74 7.11 -13.44 12.45
N GLN A 75 6.05 -13.75 11.70
CA GLN A 75 5.91 -15.07 11.07
C GLN A 75 6.62 -15.20 9.74
N GLN A 76 7.07 -14.07 9.18
CA GLN A 76 7.69 -14.09 7.86
C GLN A 76 9.09 -14.73 7.94
N ARG A 77 9.47 -15.44 6.88
N ARG A 77 9.47 -15.45 6.89
CA ARG A 77 10.75 -16.14 6.82
CA ARG A 77 10.74 -16.15 6.85
C ARG A 77 11.46 -15.89 5.51
C ARG A 77 11.46 -15.92 5.51
N GLY A 78 12.78 -15.98 5.52
CA GLY A 78 13.58 -15.94 4.30
C GLY A 78 13.65 -14.60 3.60
N GLU A 79 13.28 -14.62 2.32
CA GLU A 79 13.28 -13.42 1.48
C GLU A 79 11.91 -12.77 1.54
N ILE A 80 11.86 -11.64 2.23
CA ILE A 80 10.61 -11.00 2.60
C ILE A 80 10.46 -9.67 1.88
N GLU A 81 9.34 -9.50 1.20
CA GLU A 81 9.08 -8.23 0.52
C GLU A 81 8.28 -7.26 1.36
N PHE A 82 8.84 -6.08 1.59
CA PHE A 82 8.16 -4.98 2.26
C PHE A 82 7.68 -3.98 1.23
N GLU A 83 6.40 -3.63 1.31
CA GLU A 83 5.84 -2.52 0.55
C GLU A 83 5.75 -1.35 1.50
N VAL A 84 6.50 -0.29 1.22
CA VAL A 84 6.62 0.83 2.15
C VAL A 84 6.44 2.16 1.47
N VAL A 85 6.09 3.16 2.26
CA VAL A 85 6.06 4.53 1.77
C VAL A 85 6.50 5.46 2.89
N TYR A 86 7.25 6.50 2.54
CA TYR A 86 7.72 7.40 3.57
C TYR A 86 6.71 8.46 3.97
N VAL A 87 6.39 8.50 5.27
CA VAL A 87 5.26 9.29 5.77
C VAL A 87 5.58 10.75 6.06
N GLY B 1 -18.62 7.96 -20.14
CA GLY B 1 -17.88 7.90 -21.38
C GLY B 1 -17.47 6.48 -21.76
N PRO B 2 -16.48 6.36 -22.63
CA PRO B 2 -16.02 5.04 -23.07
C PRO B 2 -15.26 4.30 -22.01
N ILE B 3 -15.47 2.99 -21.96
CA ILE B 3 -14.61 2.15 -21.14
C ILE B 3 -13.33 1.95 -21.93
N ARG B 4 -12.21 2.33 -21.30
CA ARG B 4 -10.91 2.24 -21.95
C ARG B 4 -10.10 1.10 -21.38
N LYS B 5 -9.37 0.42 -22.26
CA LYS B 5 -8.32 -0.51 -21.88
C LYS B 5 -6.99 0.20 -21.88
N VAL B 6 -6.33 0.21 -20.74
CA VAL B 6 -5.13 1.00 -20.54
C VAL B 6 -4.01 0.10 -20.04
N LEU B 7 -2.86 0.18 -20.70
CA LEU B 7 -1.67 -0.57 -20.32
C LEU B 7 -0.76 0.22 -19.41
N LEU B 8 -0.35 -0.41 -18.32
CA LEU B 8 0.62 0.15 -17.40
C LEU B 8 1.84 -0.76 -17.29
N LEU B 9 3.04 -0.20 -17.37
CA LEU B 9 4.28 -0.97 -17.13
C LEU B 9 4.88 -0.57 -15.79
N LYS B 10 5.05 -1.56 -14.92
CA LYS B 10 5.55 -1.34 -13.55
C LYS B 10 6.79 -2.20 -13.40
N GLU B 11 7.82 -1.66 -12.76
CA GLU B 11 8.94 -2.49 -12.36
C GLU B 11 8.67 -3.04 -10.96
N ASP B 12 9.42 -4.07 -10.60
CA ASP B 12 9.11 -4.82 -9.40
C ASP B 12 9.38 -4.06 -8.08
N HIS B 13 10.24 -3.05 -8.15
CA HIS B 13 10.50 -2.19 -6.99
C HIS B 13 9.47 -1.09 -6.74
N GLU B 14 8.46 -0.99 -7.59
CA GLU B 14 7.50 0.12 -7.57
C GLU B 14 6.12 -0.34 -7.22
N GLY B 15 5.31 0.61 -6.77
CA GLY B 15 3.86 0.40 -6.72
C GLY B 15 3.22 0.94 -7.98
N LEU B 16 1.89 0.96 -8.02
CA LEU B 16 1.18 1.49 -9.17
C LEU B 16 1.26 3.00 -9.31
N GLY B 17 1.42 3.72 -8.21
CA GLY B 17 1.42 5.18 -8.24
C GLY B 17 0.03 5.80 -8.27
N ILE B 18 -0.93 5.17 -7.60
CA ILE B 18 -2.26 5.75 -7.45
C ILE B 18 -2.74 5.66 -6.03
N SER B 19 -3.64 6.56 -5.69
CA SER B 19 -4.43 6.40 -4.49
C SER B 19 -5.83 6.07 -4.91
N ILE B 20 -6.46 5.16 -4.19
CA ILE B 20 -7.83 4.77 -4.50
C ILE B 20 -8.78 4.94 -3.31
N THR B 21 -10.03 5.21 -3.65
CA THR B 21 -11.11 5.28 -2.67
C THR B 21 -12.23 4.39 -3.17
N GLY B 22 -13.18 4.09 -2.29
CA GLY B 22 -14.42 3.47 -2.72
C GLY B 22 -14.47 1.98 -2.53
N GLY B 23 -15.38 1.35 -3.25
CA GLY B 23 -15.64 -0.06 -3.06
C GLY B 23 -17.08 -0.32 -2.65
N LYS B 24 -17.45 -1.60 -2.64
CA LYS B 24 -18.84 -2.01 -2.49
C LYS B 24 -19.48 -1.54 -1.20
N GLU B 25 -18.72 -1.56 -0.12
CA GLU B 25 -19.25 -1.12 1.17
C GLU B 25 -19.60 0.37 1.20
N HIS B 26 -19.17 1.10 0.17
CA HIS B 26 -19.38 2.54 0.07
C HIS B 26 -20.35 2.93 -1.05
N GLY B 27 -20.85 1.92 -1.77
CA GLY B 27 -21.80 2.19 -2.84
C GLY B 27 -21.22 2.88 -4.06
N VAL B 28 -19.91 2.73 -4.27
CA VAL B 28 -19.25 3.41 -5.36
C VAL B 28 -18.18 2.44 -5.88
N PRO B 29 -17.83 2.55 -7.17
CA PRO B 29 -16.70 1.74 -7.65
C PRO B 29 -15.39 2.16 -6.99
N ILE B 30 -14.34 1.43 -7.31
CA ILE B 30 -12.98 1.82 -6.98
C ILE B 30 -12.62 3.03 -7.85
N LEU B 31 -12.34 4.16 -7.20
CA LEU B 31 -12.01 5.39 -7.90
C LEU B 31 -10.57 5.80 -7.69
N ILE B 32 -9.96 6.33 -8.74
CA ILE B 32 -8.64 6.93 -8.61
C ILE B 32 -8.79 8.31 -8.01
N SER B 33 -8.23 8.49 -6.82
CA SER B 33 -8.29 9.79 -6.16
C SER B 33 -7.00 10.60 -6.31
N GLU B 34 -5.90 9.94 -6.66
CA GLU B 34 -4.66 10.67 -6.94
C GLU B 34 -3.83 9.85 -7.91
N ILE B 35 -3.11 10.55 -8.78
CA ILE B 35 -2.10 9.96 -9.65
C ILE B 35 -0.78 10.60 -9.23
N HIS B 36 0.14 9.81 -8.70
CA HIS B 36 1.35 10.34 -8.12
C HIS B 36 2.39 10.61 -9.20
N PRO B 37 2.90 11.84 -9.25
CA PRO B 37 3.77 12.26 -10.35
C PRO B 37 5.01 11.40 -10.50
N GLY B 38 5.28 10.99 -11.75
CA GLY B 38 6.46 10.22 -12.04
C GLY B 38 6.38 8.72 -11.82
N GLN B 39 5.32 8.27 -11.18
CA GLN B 39 5.18 6.84 -10.86
C GLN B 39 4.41 6.15 -12.02
N PRO B 40 4.28 4.81 -11.98
CA PRO B 40 3.82 4.10 -13.20
C PRO B 40 2.51 4.57 -13.81
N ALA B 41 1.50 4.86 -13.01
CA ALA B 41 0.21 5.30 -13.55
C ALA B 41 0.33 6.61 -14.31
N ASP B 42 1.04 7.57 -13.74
CA ASP B 42 1.33 8.81 -14.44
C ASP B 42 2.06 8.56 -15.75
N ARG B 43 3.13 7.78 -15.69
CA ARG B 43 3.96 7.49 -16.87
C ARG B 43 3.16 6.80 -17.99
N CYS B 44 2.22 5.92 -17.65
CA CYS B 44 1.48 5.17 -18.69
C CYS B 44 0.64 6.10 -19.53
N GLY B 45 0.16 7.17 -18.93
CA GLY B 45 -0.59 8.20 -19.63
C GLY B 45 -2.10 8.13 -19.81
N GLY B 46 -2.68 6.97 -19.56
CA GLY B 46 -4.11 6.79 -19.79
C GLY B 46 -5.00 6.67 -18.56
N LEU B 47 -4.46 6.99 -17.38
CA LEU B 47 -5.18 6.91 -16.10
C LEU B 47 -5.27 8.28 -15.46
N HIS B 48 -6.45 8.63 -14.97
CA HIS B 48 -6.75 9.99 -14.55
C HIS B 48 -7.58 10.04 -13.27
N VAL B 49 -7.40 11.10 -12.50
CA VAL B 49 -8.17 11.27 -11.29
C VAL B 49 -9.66 11.26 -11.64
N GLY B 50 -10.42 10.46 -10.91
CA GLY B 50 -11.86 10.40 -11.11
C GLY B 50 -12.27 9.17 -11.90
N ASP B 51 -11.32 8.54 -12.58
CA ASP B 51 -11.56 7.26 -13.24
C ASP B 51 -12.01 6.19 -12.27
N ALA B 52 -12.98 5.39 -12.70
CA ALA B 52 -13.36 4.18 -11.99
C ALA B 52 -12.58 3.01 -12.57
N ILE B 53 -11.99 2.19 -11.70
CA ILE B 53 -11.25 1.01 -12.12
C ILE B 53 -12.19 -0.17 -12.09
N LEU B 54 -12.59 -0.60 -13.29
CA LEU B 54 -13.58 -1.66 -13.43
C LEU B 54 -12.97 -3.04 -13.38
N ALA B 55 -11.73 -3.17 -13.84
CA ALA B 55 -11.06 -4.47 -13.87
C ALA B 55 -9.57 -4.28 -14.00
N VAL B 56 -8.81 -5.27 -13.56
CA VAL B 56 -7.37 -5.28 -13.76
C VAL B 56 -6.94 -6.68 -14.20
N ASN B 57 -6.22 -6.79 -15.32
CA ASN B 57 -5.81 -8.08 -15.86
C ASN B 57 -6.95 -9.11 -15.94
N GLY B 58 -8.13 -8.66 -16.33
CA GLY B 58 -9.24 -9.57 -16.50
C GLY B 58 -10.04 -9.80 -15.22
N VAL B 59 -9.54 -9.32 -14.09
CA VAL B 59 -10.21 -9.55 -12.82
C VAL B 59 -11.17 -8.42 -12.55
N ASN B 60 -12.46 -8.75 -12.45
CA ASN B 60 -13.50 -7.75 -12.21
C ASN B 60 -13.32 -7.12 -10.83
N LEU B 61 -13.36 -5.78 -10.81
CA LEU B 61 -13.27 -5.01 -9.58
C LEU B 61 -14.57 -4.23 -9.33
N ARG B 62 -15.56 -4.41 -10.20
CA ARG B 62 -16.78 -3.62 -10.10
C ARG B 62 -17.54 -3.83 -8.82
N ASP B 63 -17.40 -5.02 -8.22
CA ASP B 63 -18.22 -5.39 -7.08
C ASP B 63 -17.38 -5.75 -5.85
N THR B 64 -16.14 -5.29 -5.84
CA THR B 64 -15.22 -5.64 -4.76
C THR B 64 -15.31 -4.62 -3.64
N LYS B 65 -15.16 -5.10 -2.41
CA LYS B 65 -14.93 -4.24 -1.27
C LYS B 65 -13.54 -3.61 -1.37
N HIS B 66 -13.36 -2.50 -0.67
CA HIS B 66 -12.13 -1.71 -0.78
C HIS B 66 -10.86 -2.54 -0.59
N LYS B 67 -10.81 -3.30 0.49
CA LYS B 67 -9.59 -4.08 0.79
C LYS B 67 -9.38 -5.26 -0.16
N GLU B 68 -10.47 -5.82 -0.66
CA GLU B 68 -10.36 -6.83 -1.72
C GLU B 68 -9.67 -6.25 -2.95
N ALA B 69 -10.05 -5.02 -3.30
CA ALA B 69 -9.47 -4.41 -4.50
C ALA B 69 -8.00 -4.09 -4.24
N VAL B 70 -7.66 -3.66 -3.02
CA VAL B 70 -6.26 -3.39 -2.73
C VAL B 70 -5.40 -4.64 -2.92
N THR B 71 -5.87 -5.77 -2.38
CA THR B 71 -5.12 -7.03 -2.53
C THR B 71 -4.95 -7.40 -4.01
N ILE B 72 -6.04 -7.37 -4.77
CA ILE B 72 -5.97 -7.72 -6.17
C ILE B 72 -5.06 -6.79 -6.95
N LEU B 73 -5.21 -5.48 -6.72
CA LEU B 73 -4.41 -4.53 -7.50
C LEU B 73 -2.92 -4.67 -7.18
N SER B 74 -2.60 -4.88 -5.91
CA SER B 74 -1.20 -4.93 -5.51
C SER B 74 -0.49 -6.22 -5.89
N GLN B 75 -1.26 -7.26 -6.22
CA GLN B 75 -0.70 -8.53 -6.67
C GLN B 75 -0.17 -8.50 -8.11
N GLN B 76 -0.63 -7.54 -8.89
CA GLN B 76 -0.29 -7.52 -10.30
C GLN B 76 1.15 -7.02 -10.55
N ARG B 77 1.82 -7.63 -11.53
CA ARG B 77 3.22 -7.31 -11.80
C ARG B 77 3.43 -7.06 -13.28
N GLY B 78 4.46 -6.27 -13.60
CA GLY B 78 4.89 -6.09 -14.98
C GLY B 78 3.99 -5.30 -15.90
N GLU B 79 3.49 -5.96 -16.94
CA GLU B 79 2.60 -5.34 -17.91
C GLU B 79 1.17 -5.57 -17.45
N ILE B 80 0.54 -4.50 -16.96
CA ILE B 80 -0.76 -4.64 -16.30
C ILE B 80 -1.82 -3.88 -17.09
N GLU B 81 -2.90 -4.56 -17.42
N GLU B 81 -2.91 -4.56 -17.41
CA GLU B 81 -3.99 -3.95 -18.19
CA GLU B 81 -3.99 -3.96 -18.17
C GLU B 81 -5.15 -3.55 -17.30
C GLU B 81 -5.16 -3.55 -17.29
N PHE B 82 -5.53 -2.29 -17.37
CA PHE B 82 -6.68 -1.76 -16.66
C PHE B 82 -7.88 -1.52 -17.57
N GLU B 83 -9.06 -1.69 -17.02
CA GLU B 83 -10.29 -1.26 -17.68
C GLU B 83 -10.86 -0.14 -16.82
N VAL B 84 -10.98 1.06 -17.41
CA VAL B 84 -11.32 2.28 -16.66
C VAL B 84 -12.42 3.06 -17.37
N VAL B 85 -13.18 3.84 -16.60
CA VAL B 85 -14.23 4.67 -17.18
C VAL B 85 -14.44 5.95 -16.41
N TYR B 86 -14.70 7.04 -17.10
CA TYR B 86 -15.07 8.29 -16.44
C TYR B 86 -16.45 8.64 -17.00
N VAL B 87 -17.43 8.80 -16.11
CA VAL B 87 -18.75 9.24 -16.54
C VAL B 87 -19.04 10.68 -16.10
C11 BTN C 1 10.94 16.09 10.25
O11 BTN C 1 11.48 16.78 11.05
C10 BTN C 1 11.50 14.69 9.86
C9 BTN C 1 12.94 14.70 9.35
C8 BTN C 1 13.58 13.37 9.40
C7 BTN C 1 14.96 13.29 8.93
C2 BTN C 1 15.63 11.94 9.23
S1 BTN C 1 15.92 11.71 10.85
C6 BTN C 1 16.94 10.44 10.61
C5 BTN C 1 17.91 11.08 9.60
N1 BTN C 1 19.19 11.61 9.64
C3 BTN C 1 19.10 12.98 9.08
O3 BTN C 1 19.89 13.93 9.31
N2 BTN C 1 17.93 13.00 8.17
C4 BTN C 1 17.06 12.04 8.68
N TRP C 2 10.03 16.68 9.25
CA TRP C 2 9.54 18.03 9.44
C TRP C 2 8.19 18.02 10.13
N DAR C 3 8.10 18.78 11.21
CA DAR C 3 6.84 19.13 11.78
CB DAR C 3 7.03 20.28 12.70
CG DAR C 3 7.41 21.58 12.06
CD DAR C 3 7.42 22.73 12.99
NE DAR C 3 6.11 23.24 13.28
CZ DAR C 3 5.86 24.09 14.39
NH1 DAR C 3 6.83 24.41 15.20
NH2 DAR C 3 4.53 24.56 14.59
C DAR C 3 6.20 18.06 12.59
O DAR C 3 6.87 17.25 13.26
N PHE C 4 4.87 18.06 12.54
CA PHE C 4 4.01 17.28 13.43
C PHE C 4 3.21 16.22 12.71
N LYS C 5 3.71 14.99 12.78
CA LYS C 5 3.01 13.88 12.17
C LYS C 5 2.54 12.96 13.27
N LYS C 6 1.28 12.54 13.16
CA LYS C 6 0.64 11.73 14.18
C LYS C 6 1.40 10.42 14.33
N ALA C 7 1.94 9.94 13.22
CA ALA C 7 2.80 8.76 13.21
C ALA C 7 4.14 8.94 13.94
N ASN C 8 4.41 10.11 14.46
CA ASN C 8 5.61 10.33 15.27
C ASN C 8 5.34 10.39 16.76
N SER C 9 4.08 10.29 17.15
CA SER C 9 3.69 10.44 18.53
C SER C 9 3.98 9.18 19.34
N ARG C 10 4.21 9.37 20.64
N ARG C 10 4.23 9.37 20.63
CA ARG C 10 4.59 8.28 21.56
CA ARG C 10 4.61 8.27 21.53
C ARG C 10 3.48 7.24 21.61
C ARG C 10 3.50 7.24 21.61
N LEU C 11 3.71 6.08 20.98
CA LEU C 11 2.65 5.08 20.87
C LEU C 11 3.22 3.72 21.24
N PRO C 12 2.35 2.74 21.53
CA PRO C 12 2.89 1.40 21.80
C PRO C 12 3.79 0.89 20.68
N THR C 13 4.87 0.27 21.12
CA THR C 13 5.95 -0.14 20.24
C THR C 13 6.30 -1.59 20.52
N SER C 14 6.70 -2.31 19.46
CA SER C 14 7.28 -3.65 19.58
C SER C 14 8.62 -3.72 18.90
N ILE C 15 9.53 -4.54 19.43
CA ILE C 15 10.83 -4.84 18.82
C ILE C 15 10.81 -6.26 18.28
N ILE C 16 10.99 -6.37 16.97
CA ILE C 16 11.01 -7.65 16.27
C ILE C 16 12.22 -7.90 15.37
C11 BTN D 1 -22.17 8.14 -5.09
O11 BTN D 1 -22.21 9.22 -5.54
C10 BTN D 1 -21.99 7.81 -3.57
C9 BTN D 1 -22.56 8.80 -2.55
C8 BTN D 1 -23.99 9.14 -2.65
C7 BTN D 1 -24.35 10.43 -2.05
C2 BTN D 1 -25.81 10.85 -2.10
S1 BTN D 1 -26.01 12.40 -1.67
C6 BTN D 1 -27.63 12.33 -1.45
C5 BTN D 1 -27.71 11.12 -0.51
N1 BTN D 1 -27.98 10.86 0.84
C3 BTN D 1 -26.72 10.26 1.37
O3 BTN D 1 -26.23 10.39 2.54
N2 BTN D 1 -26.11 9.46 0.26
C4 BTN D 1 -26.47 10.20 -0.87
N TRP D 2 -22.22 6.96 -5.97
CA TRP D 2 -22.17 7.11 -7.41
C TRP D 2 -23.42 7.84 -7.91
N DAR D 3 -23.24 8.75 -8.85
CA DAR D 3 -24.36 9.41 -9.47
CB DAR D 3 -24.06 9.68 -10.90
CG DAR D 3 -23.86 8.47 -11.77
CD DAR D 3 -23.81 8.72 -13.24
NE DAR D 3 -22.76 9.61 -13.62
CZ DAR D 3 -23.01 10.81 -14.32
NH1 DAR D 3 -22.02 11.59 -14.64
NH2 DAR D 3 -24.35 11.18 -14.67
C DAR D 3 -24.73 10.67 -8.76
O DAR D 3 -25.78 11.27 -9.06
N PHE D 4 -23.92 11.15 -7.80
CA PHE D 4 -24.19 12.36 -7.11
C PHE D 4 -22.93 13.23 -7.18
N LYS D 5 -23.07 14.39 -7.78
CA LYS D 5 -21.94 15.29 -7.97
C LYS D 5 -21.18 15.64 -6.67
N LYS D 6 -21.87 15.86 -5.57
CA LYS D 6 -21.19 16.25 -4.33
C LYS D 6 -21.08 15.26 -3.13
N ALA D 7 -20.74 15.81 -1.97
CA ALA D 7 -20.72 15.11 -0.68
C ALA D 7 -21.04 16.06 0.50
N ASN D 8 -20.29 16.09 1.60
CA ASN D 8 -18.89 15.70 1.87
C ASN D 8 -18.79 14.20 2.37
N SER D 9 -17.98 13.35 1.74
CA SER D 9 -18.19 11.88 1.83
C SER D 9 -17.32 11.03 2.75
N ARG D 10 -16.14 11.55 3.07
CA ARG D 10 -15.19 11.03 4.06
C ARG D 10 -14.84 9.57 3.81
N LEU D 11 -14.61 9.19 2.54
CA LEU D 11 -14.12 7.85 2.26
C LEU D 11 -12.65 7.66 2.57
N PRO D 12 -12.32 6.45 3.02
CA PRO D 12 -10.96 5.99 3.29
C PRO D 12 -10.17 5.83 2.01
N THR D 13 -8.90 6.17 2.09
CA THR D 13 -7.98 6.11 0.97
C THR D 13 -6.88 5.09 1.17
N SER D 14 -6.58 4.31 0.13
CA SER D 14 -5.35 3.51 0.11
C SER D 14 -4.40 3.99 -0.97
N ILE D 15 -3.13 4.04 -0.60
CA ILE D 15 -2.04 4.34 -1.50
C ILE D 15 -1.51 3.02 -2.01
N ILE D 16 -1.49 2.83 -3.33
CA ILE D 16 -1.10 1.56 -3.94
C ILE D 16 -0.14 1.69 -5.14
#